data_3O24
#
_entry.id   3O24
#
_cell.length_a   82.850
_cell.length_b   82.850
_cell.length_c   121.760
_cell.angle_alpha   90.00
_cell.angle_beta   90.00
_cell.angle_gamma   90.00
#
_symmetry.space_group_name_H-M   'P 41 21 2'
#
loop_
_entity.id
_entity.type
_entity.pdbx_description
1 polymer 'Brevianamide F prenyltransferase'
2 non-polymer 'SULFATE ION'
3 non-polymer '2-(N-MORPHOLINO)-ETHANESULFONIC ACID'
4 non-polymer 'CHLORIDE ION'
5 water water
#
_entity_poly.entity_id   1
_entity_poly.type   'polypeptide(L)'
_entity_poly.pdbx_seq_one_letter_code
;MPPAPPDQKPCHQLQPAPYRALSESILFGSVDEERWWHSTAPILSRLLISSNYDVDVQYKYLSLYRHLVLPALGPYPQRD
PETGIIATQWRSGMVLTGLPIEFSNNVARALIRIGVDPVTADSGTAQDPFNTTRPKVYLETAARLLPGVDLTRFYEFETE
LVITKAEEAVLQANPDLFRSPWKSQILTAMDLQKSGTVLVKAYFYPQPKSAVTGRSTEDLLVNAIRKVDREGRFETQLAN
LQRYIERRRRGLHVPGVTADKPPATAADKAFDACSFFPHFLSTDLVEPGKSRVKFYASERHVNLQMVEDIWTFGGLRRDP
DALRGLELLRHFWADIQMREGYYTMPRGFCELGKSSAGFEAPMMFHFHLDGSQSPFPDPQMYVCVFGMNSRKLVEGLTTF
YRRVGWEEMASHYQANFLANYPDEDFEKAAHLCAYVSFAYKNGGAYVTLYNHSFNPVGDVSFPNGSRSHHHHHH
;
_entity_poly.pdbx_strand_id   A
#
# COMPACT_ATOMS: atom_id res chain seq x y z
N PRO A 3 -14.29 0.89 20.30
CA PRO A 3 -14.06 0.55 18.88
C PRO A 3 -15.08 -0.48 18.34
N ALA A 4 -16.07 -0.01 17.58
CA ALA A 4 -17.16 -0.86 17.14
C ALA A 4 -16.67 -1.88 16.11
N PRO A 5 -17.04 -3.17 16.27
CA PRO A 5 -16.50 -4.23 15.45
C PRO A 5 -16.91 -4.11 13.98
N PRO A 6 -16.06 -4.57 13.07
CA PRO A 6 -16.25 -4.40 11.63
C PRO A 6 -17.39 -5.22 11.06
N ASP A 7 -18.11 -4.63 10.10
CA ASP A 7 -19.12 -5.35 9.34
C ASP A 7 -18.44 -6.33 8.39
N GLN A 8 -19.09 -7.46 8.15
CA GLN A 8 -18.68 -8.38 7.11
C GLN A 8 -19.85 -9.27 6.68
N LYS A 9 -20.42 -8.93 5.51
CA LYS A 9 -21.51 -9.68 4.88
C LYS A 9 -20.90 -10.66 3.87
N PRO A 10 -21.54 -11.81 3.66
CA PRO A 10 -21.05 -12.73 2.63
C PRO A 10 -21.38 -12.25 1.22
N CYS A 11 -20.43 -12.47 0.32
CA CYS A 11 -20.60 -12.18 -1.09
C CYS A 11 -19.63 -13.07 -1.86
N HIS A 12 -20.13 -14.19 -2.36
CA HIS A 12 -19.30 -15.15 -3.08
C HIS A 12 -19.59 -15.14 -4.58
N GLN A 13 -20.57 -14.32 -4.99
CA GLN A 13 -21.08 -14.35 -6.36
C GLN A 13 -19.98 -14.03 -7.36
N LEU A 14 -19.90 -14.81 -8.44
CA LEU A 14 -18.85 -14.66 -9.43
C LEU A 14 -19.01 -13.38 -10.27
N GLN A 15 -20.25 -12.91 -10.40
CA GLN A 15 -20.54 -11.64 -11.07
C GLN A 15 -21.52 -10.82 -10.23
N PRO A 16 -21.00 -10.02 -9.29
CA PRO A 16 -21.94 -9.29 -8.43
C PRO A 16 -22.77 -8.31 -9.25
N ALA A 17 -23.97 -8.02 -8.78
CA ALA A 17 -24.97 -7.34 -9.62
C ALA A 17 -24.54 -5.97 -10.13
N PRO A 18 -23.91 -5.14 -9.27
CA PRO A 18 -23.44 -3.83 -9.73
C PRO A 18 -22.39 -3.89 -10.84
N TYR A 19 -21.46 -4.84 -10.74
CA TYR A 19 -20.47 -5.09 -11.77
C TYR A 19 -21.11 -5.52 -13.11
N ARG A 20 -22.12 -6.37 -13.06
CA ARG A 20 -22.86 -6.77 -14.27
C ARG A 20 -23.60 -5.58 -14.86
N ALA A 21 -24.31 -4.85 -13.99
CA ALA A 21 -25.12 -3.72 -14.43
C ALA A 21 -24.27 -2.69 -15.16
N LEU A 22 -23.10 -2.39 -14.61
CA LEU A 22 -22.18 -1.48 -15.29
C LEU A 22 -21.56 -2.11 -16.52
N SER A 23 -21.13 -3.37 -16.41
CA SER A 23 -20.52 -4.13 -17.55
C SER A 23 -21.39 -4.14 -18.80
N GLU A 24 -22.71 -4.22 -18.61
CA GLU A 24 -23.67 -4.25 -19.70
C GLU A 24 -24.04 -2.85 -20.22
N SER A 25 -23.41 -1.82 -19.68
CA SER A 25 -23.74 -0.42 -20.01
C SER A 25 -22.56 0.40 -20.53
N ILE A 26 -21.34 -0.05 -20.25
CA ILE A 26 -20.14 0.70 -20.56
C ILE A 26 -19.70 0.46 -22.01
N LEU A 27 -19.37 1.55 -22.70
CA LEU A 27 -18.64 1.46 -23.95
C LEU A 27 -17.22 1.87 -23.63
N PHE A 28 -16.27 0.97 -23.92
CA PHE A 28 -14.86 1.29 -23.65
C PHE A 28 -14.18 1.80 -24.90
N GLY A 29 -13.51 2.94 -24.78
CA GLY A 29 -12.74 3.50 -25.89
C GLY A 29 -11.32 2.94 -25.96
N SER A 30 -11.06 1.89 -25.19
CA SER A 30 -9.76 1.23 -25.17
C SER A 30 -9.95 -0.24 -24.78
N VAL A 31 -9.28 -1.12 -25.53
CA VAL A 31 -9.28 -2.57 -25.23
C VAL A 31 -8.63 -2.85 -23.87
N ASP A 32 -7.56 -2.12 -23.59
CA ASP A 32 -6.91 -2.25 -22.30
C ASP A 32 -7.85 -1.94 -21.13
N GLU A 33 -8.57 -0.83 -21.20
CA GLU A 33 -9.49 -0.44 -20.15
C GLU A 33 -10.55 -1.53 -19.96
N GLU A 34 -10.97 -2.12 -21.07
CA GLU A 34 -11.98 -3.19 -21.06
C GLU A 34 -11.48 -4.46 -20.39
N ARG A 35 -10.27 -4.86 -20.70
CA ARG A 35 -9.73 -6.09 -20.10
C ARG A 35 -9.38 -5.87 -18.63
N TRP A 36 -8.75 -4.75 -18.31
CA TRP A 36 -8.56 -4.35 -16.90
C TRP A 36 -9.87 -4.46 -16.10
N TRP A 37 -10.93 -3.82 -16.58
CA TRP A 37 -12.23 -3.84 -15.90
C TRP A 37 -12.68 -5.26 -15.59
N HIS A 38 -12.67 -6.13 -16.59
CA HIS A 38 -13.18 -7.51 -16.39
C HIS A 38 -12.29 -8.37 -15.48
N SER A 39 -11.03 -7.98 -15.34
CA SER A 39 -10.09 -8.67 -14.45
C SER A 39 -10.05 -8.16 -13.01
N THR A 40 -10.59 -6.97 -12.75
CA THR A 40 -10.51 -6.35 -11.42
C THR A 40 -11.86 -5.88 -10.81
N ALA A 41 -12.80 -5.45 -11.65
CA ALA A 41 -14.08 -4.92 -11.15
C ALA A 41 -14.90 -5.93 -10.33
N PRO A 42 -14.88 -7.22 -10.71
CA PRO A 42 -15.55 -8.17 -9.82
C PRO A 42 -14.97 -8.21 -8.40
N ILE A 43 -13.64 -8.18 -8.27
CA ILE A 43 -13.02 -8.13 -6.94
C ILE A 43 -13.40 -6.83 -6.19
N LEU A 44 -13.35 -5.69 -6.87
CA LEU A 44 -13.77 -4.43 -6.22
C LEU A 44 -15.24 -4.48 -5.76
N SER A 45 -16.12 -5.00 -6.63
CA SER A 45 -17.55 -5.05 -6.32
C SER A 45 -17.84 -5.95 -5.12
N ARG A 46 -17.23 -7.13 -5.11
CA ARG A 46 -17.30 -8.03 -3.93
C ARG A 46 -16.77 -7.34 -2.69
N LEU A 47 -15.61 -6.72 -2.77
CA LEU A 47 -15.05 -6.08 -1.59
C LEU A 47 -16.07 -5.08 -1.06
N LEU A 48 -16.73 -4.35 -1.94
CA LEU A 48 -17.63 -3.29 -1.51
C LEU A 48 -18.91 -3.82 -0.84
N ILE A 49 -19.46 -4.93 -1.30
CA ILE A 49 -20.71 -5.39 -0.69
C ILE A 49 -20.46 -6.20 0.61
N SER A 50 -19.36 -6.98 0.66
CA SER A 50 -18.94 -7.64 1.90
C SER A 50 -18.58 -6.65 3.02
N SER A 51 -17.95 -5.54 2.68
CA SER A 51 -17.66 -4.48 3.65
C SER A 51 -18.89 -3.64 4.01
N ASN A 52 -20.04 -3.98 3.43
CA ASN A 52 -21.34 -3.33 3.70
C ASN A 52 -21.39 -1.83 3.41
N TYR A 53 -20.90 -1.44 2.23
CA TYR A 53 -21.12 -0.11 1.68
C TYR A 53 -22.55 -0.04 1.11
N ASP A 54 -23.15 1.14 1.17
CA ASP A 54 -24.47 1.36 0.57
C ASP A 54 -24.41 1.16 -0.95
N VAL A 55 -25.53 0.74 -1.53
CA VAL A 55 -25.62 0.47 -2.98
C VAL A 55 -25.27 1.69 -3.83
N ASP A 56 -25.81 2.84 -3.49
CA ASP A 56 -25.50 4.07 -4.21
C ASP A 56 -24.00 4.33 -4.22
N VAL A 57 -23.37 4.11 -3.06
CA VAL A 57 -21.94 4.36 -2.90
C VAL A 57 -21.11 3.30 -3.64
N GLN A 58 -21.58 2.05 -3.66
CA GLN A 58 -20.95 0.99 -4.46
C GLN A 58 -20.86 1.44 -5.92
N TYR A 59 -21.96 1.98 -6.43
CA TYR A 59 -22.02 2.42 -7.81
C TYR A 59 -21.19 3.66 -8.07
N LYS A 60 -21.20 4.61 -7.13
CA LYS A 60 -20.31 5.76 -7.22
C LYS A 60 -18.87 5.29 -7.46
N TYR A 61 -18.40 4.35 -6.64
CA TYR A 61 -17.00 3.95 -6.66
C TYR A 61 -16.65 3.05 -7.86
N LEU A 62 -17.55 2.13 -8.24
CA LEU A 62 -17.29 1.33 -9.43
C LEU A 62 -17.25 2.23 -10.67
N SER A 63 -18.12 3.22 -10.72
CA SER A 63 -18.08 4.19 -11.82
C SER A 63 -16.78 5.02 -11.85
N LEU A 64 -16.36 5.46 -10.65
CA LEU A 64 -15.11 6.19 -10.47
C LEU A 64 -13.93 5.32 -10.88
N TYR A 65 -13.95 4.07 -10.44
CA TYR A 65 -12.97 3.10 -10.90
C TYR A 65 -12.94 3.16 -12.43
N ARG A 66 -14.10 2.96 -13.05
CA ARG A 66 -14.20 2.96 -14.51
C ARG A 66 -13.64 4.21 -15.15
N HIS A 67 -14.01 5.38 -14.62
CA HIS A 67 -13.68 6.66 -15.27
C HIS A 67 -12.29 7.18 -14.97
N LEU A 68 -11.88 7.14 -13.72
CA LEU A 68 -10.58 7.68 -13.32
C LEU A 68 -9.47 6.63 -13.35
N VAL A 69 -9.73 5.42 -12.88
CA VAL A 69 -8.65 4.45 -12.68
C VAL A 69 -8.30 3.70 -13.95
N LEU A 70 -9.27 3.02 -14.56
CA LEU A 70 -9.02 2.18 -15.73
C LEU A 70 -8.02 2.75 -16.75
N PRO A 71 -8.16 4.03 -17.14
CA PRO A 71 -7.21 4.54 -18.15
C PRO A 71 -5.79 4.79 -17.60
N ALA A 72 -5.68 4.93 -16.30
CA ALA A 72 -4.41 5.10 -15.60
C ALA A 72 -3.65 3.77 -15.37
N LEU A 73 -4.27 2.65 -15.71
CA LEU A 73 -3.66 1.35 -15.52
C LEU A 73 -2.82 0.96 -16.74
N GLY A 74 -2.96 1.70 -17.83
CA GLY A 74 -2.11 1.50 -18.99
C GLY A 74 -2.33 0.15 -19.65
N PRO A 75 -1.32 -0.37 -20.35
CA PRO A 75 -1.48 -1.64 -21.07
C PRO A 75 -1.90 -2.78 -20.17
N TYR A 76 -2.81 -3.61 -20.67
CA TYR A 76 -3.22 -4.84 -19.99
C TYR A 76 -2.01 -5.78 -19.94
N PRO A 77 -1.91 -6.60 -18.87
CA PRO A 77 -0.75 -7.50 -18.77
C PRO A 77 -0.79 -8.60 -19.81
N GLN A 78 0.39 -9.06 -20.21
CA GLN A 78 0.50 -10.01 -21.30
C GLN A 78 1.10 -11.30 -20.78
N ARG A 79 0.70 -12.40 -21.40
CA ARG A 79 1.16 -13.74 -21.04
C ARG A 79 2.29 -14.15 -21.97
N ASP A 80 3.37 -14.63 -21.37
CA ASP A 80 4.45 -15.31 -22.08
C ASP A 80 4.00 -16.73 -22.46
N PRO A 81 4.03 -17.08 -23.76
CA PRO A 81 3.63 -18.43 -24.17
C PRO A 81 4.35 -19.59 -23.45
N GLU A 82 5.68 -19.55 -23.32
CA GLU A 82 6.46 -20.71 -22.86
C GLU A 82 6.71 -20.78 -21.34
N THR A 83 6.81 -19.62 -20.70
CA THR A 83 7.01 -19.55 -19.25
C THR A 83 5.67 -19.43 -18.51
N GLY A 84 4.66 -18.93 -19.21
CA GLY A 84 3.36 -18.68 -18.60
C GLY A 84 3.24 -17.46 -17.69
N ILE A 85 4.35 -16.74 -17.48
CA ILE A 85 4.34 -15.58 -16.60
C ILE A 85 3.58 -14.41 -17.24
N ILE A 86 2.74 -13.78 -16.42
CA ILE A 86 1.86 -12.70 -16.82
C ILE A 86 2.31 -11.41 -16.13
N ALA A 87 2.77 -10.44 -16.91
CA ALA A 87 3.25 -9.16 -16.37
C ALA A 87 3.01 -7.97 -17.30
N THR A 88 3.04 -6.77 -16.72
CA THR A 88 2.99 -5.52 -17.47
C THR A 88 4.42 -5.05 -17.67
N GLN A 89 4.68 -4.29 -18.75
CA GLN A 89 6.06 -3.85 -19.09
C GLN A 89 6.69 -3.00 -18.00
N TRP A 90 5.89 -2.10 -17.43
CA TRP A 90 6.29 -1.34 -16.25
C TRP A 90 6.00 -2.21 -15.05
N ARG A 91 7.02 -2.42 -14.23
CA ARG A 91 6.87 -3.19 -13.00
C ARG A 91 6.71 -2.21 -11.85
N SER A 92 5.47 -2.11 -11.36
CA SER A 92 5.10 -1.16 -10.33
C SER A 92 5.72 -1.51 -8.97
N GLY A 93 6.17 -0.49 -8.25
CA GLY A 93 6.68 -0.68 -6.89
C GLY A 93 5.57 -0.88 -5.85
N MET A 94 4.32 -0.80 -6.30
CA MET A 94 3.18 -0.95 -5.40
C MET A 94 2.91 -2.38 -4.99
N VAL A 95 3.15 -3.34 -5.89
CA VAL A 95 2.97 -4.76 -5.57
C VAL A 95 4.16 -5.58 -6.03
N LEU A 96 4.45 -6.66 -5.29
CA LEU A 96 5.53 -7.57 -5.66
C LEU A 96 5.27 -8.30 -6.99
N THR A 97 4.02 -8.31 -7.45
CA THR A 97 3.70 -8.84 -8.77
C THR A 97 4.00 -7.83 -9.86
N GLY A 98 4.16 -6.57 -9.45
CA GLY A 98 4.47 -5.48 -10.36
C GLY A 98 3.26 -4.89 -11.06
N LEU A 99 2.05 -5.27 -10.63
CA LEU A 99 0.83 -4.76 -11.23
C LEU A 99 0.52 -3.36 -10.69
N PRO A 100 0.01 -2.46 -11.54
CA PRO A 100 -0.23 -1.09 -11.10
C PRO A 100 -1.53 -0.89 -10.30
N ILE A 101 -2.19 -1.96 -9.90
CA ILE A 101 -3.43 -1.85 -9.16
C ILE A 101 -3.41 -2.78 -7.96
N GLU A 102 -3.93 -2.29 -6.83
CA GLU A 102 -4.07 -3.10 -5.64
C GLU A 102 -5.24 -2.58 -4.80
N PHE A 103 -6.17 -3.47 -4.45
CA PHE A 103 -7.21 -3.16 -3.48
C PHE A 103 -6.81 -3.71 -2.11
N SER A 104 -6.82 -2.85 -1.09
CA SER A 104 -6.49 -3.26 0.29
C SER A 104 -7.71 -3.22 1.19
N ASN A 105 -7.79 -4.13 2.16
CA ASN A 105 -8.97 -4.30 3.01
C ASN A 105 -8.67 -4.07 4.50
N ASN A 106 -9.09 -2.91 5.01
CA ASN A 106 -9.01 -2.63 6.42
C ASN A 106 -10.05 -3.44 7.12
N VAL A 107 -9.65 -4.60 7.65
CA VAL A 107 -10.60 -5.53 8.27
C VAL A 107 -10.93 -5.18 9.72
N ALA A 108 -10.36 -4.11 10.26
CA ALA A 108 -10.81 -3.59 11.55
C ALA A 108 -12.01 -2.66 11.42
N ARG A 109 -12.14 -1.97 10.28
CA ARG A 109 -13.26 -1.06 10.03
C ARG A 109 -14.14 -1.43 8.83
N ALA A 110 -13.71 -2.45 8.07
CA ALA A 110 -14.37 -2.85 6.83
C ALA A 110 -14.37 -1.72 5.80
N LEU A 111 -13.17 -1.22 5.49
CA LEU A 111 -12.99 -0.13 4.52
C LEU A 111 -12.04 -0.63 3.43
N ILE A 112 -12.29 -0.19 2.20
CA ILE A 112 -11.51 -0.58 1.06
C ILE A 112 -10.73 0.61 0.55
N ARG A 113 -9.54 0.35 0.03
CA ARG A 113 -8.69 1.40 -0.54
C ARG A 113 -8.26 0.94 -1.91
N ILE A 114 -8.18 1.87 -2.84
CA ILE A 114 -7.67 1.58 -4.16
C ILE A 114 -6.29 2.22 -4.33
N GLY A 115 -5.28 1.36 -4.42
CA GLY A 115 -3.92 1.77 -4.76
C GLY A 115 -3.69 1.71 -6.26
N VAL A 116 -3.18 2.81 -6.81
CA VAL A 116 -3.01 2.90 -8.25
C VAL A 116 -1.63 3.47 -8.57
N ASP A 117 -0.90 2.81 -9.45
CA ASP A 117 0.33 3.38 -10.00
C ASP A 117 -0.05 3.84 -11.41
N PRO A 118 -0.33 5.14 -11.58
CA PRO A 118 -0.77 5.63 -12.88
C PRO A 118 0.31 5.54 -13.95
N VAL A 119 -0.01 4.81 -15.01
CA VAL A 119 0.96 4.50 -16.06
C VAL A 119 0.36 4.69 -17.46
N THR A 120 1.25 4.89 -18.43
CA THR A 120 0.90 4.97 -19.85
C THR A 120 1.59 3.83 -20.58
N ALA A 121 1.33 3.69 -21.87
CA ALA A 121 2.06 2.72 -22.70
C ALA A 121 3.55 3.03 -22.78
N ASP A 122 3.94 4.27 -22.48
CA ASP A 122 5.33 4.71 -22.59
C ASP A 122 6.12 4.52 -21.29
N SER A 123 5.42 4.27 -20.19
CA SER A 123 6.06 4.15 -18.90
C SER A 123 7.04 2.98 -18.86
N GLY A 124 8.29 3.28 -18.52
CA GLY A 124 9.33 2.27 -18.42
C GLY A 124 10.27 2.26 -19.62
N THR A 125 9.73 2.65 -20.78
CA THR A 125 10.46 2.63 -22.05
C THR A 125 11.39 3.84 -22.14
N ALA A 126 12.01 4.02 -23.30
CA ALA A 126 12.88 5.17 -23.58
C ALA A 126 12.16 6.53 -23.51
N GLN A 127 10.86 6.55 -23.85
CA GLN A 127 10.08 7.80 -23.84
C GLN A 127 9.79 8.33 -22.43
N ASP A 128 9.74 7.43 -21.45
CA ASP A 128 9.43 7.78 -20.06
C ASP A 128 9.87 6.64 -19.13
N PRO A 129 11.16 6.61 -18.77
CA PRO A 129 11.71 5.45 -18.09
C PRO A 129 11.49 5.49 -16.59
N PHE A 130 11.06 6.63 -16.05
CA PHE A 130 10.80 6.79 -14.62
C PHE A 130 9.37 7.23 -14.25
N ASN A 131 8.50 7.31 -15.25
CA ASN A 131 7.05 7.58 -15.06
C ASN A 131 6.79 8.87 -14.28
N THR A 132 7.34 9.96 -14.78
CA THR A 132 7.31 11.23 -14.04
C THR A 132 5.95 11.96 -14.11
N THR A 133 5.42 12.09 -15.31
CA THR A 133 4.23 12.90 -15.53
C THR A 133 2.87 12.25 -15.21
N ARG A 134 2.68 10.95 -15.51
CA ARG A 134 1.33 10.36 -15.44
C ARG A 134 0.70 10.33 -14.05
N PRO A 135 1.47 10.05 -12.99
CA PRO A 135 0.93 10.13 -11.66
C PRO A 135 0.38 11.50 -11.33
N LYS A 136 1.13 12.54 -11.68
CA LYS A 136 0.71 13.91 -11.46
C LYS A 136 -0.62 14.16 -12.15
N VAL A 137 -0.72 13.74 -13.41
CA VAL A 137 -1.92 13.97 -14.21
C VAL A 137 -3.12 13.32 -13.53
N TYR A 138 -2.92 12.09 -13.05
CA TYR A 138 -3.92 11.36 -12.29
C TYR A 138 -4.37 12.13 -11.06
N LEU A 139 -3.44 12.61 -10.24
CA LEU A 139 -3.81 13.32 -9.02
C LEU A 139 -4.51 14.63 -9.34
N GLU A 140 -4.02 15.33 -10.35
CA GLU A 140 -4.67 16.53 -10.83
C GLU A 140 -6.10 16.29 -11.32
N THR A 141 -6.35 15.14 -11.95
CA THR A 141 -7.68 14.81 -12.44
C THR A 141 -8.56 14.47 -11.28
N ALA A 142 -8.05 13.63 -10.37
CA ALA A 142 -8.79 13.31 -9.16
C ALA A 142 -9.16 14.58 -8.40
N ALA A 143 -8.27 15.55 -8.40
CA ALA A 143 -8.48 16.76 -7.63
C ALA A 143 -9.65 17.65 -8.15
N ARG A 144 -9.78 17.74 -9.46
CA ARG A 144 -10.85 18.53 -10.05
C ARG A 144 -12.18 17.78 -9.92
N LEU A 145 -12.14 16.46 -10.00
CA LEU A 145 -13.34 15.63 -9.85
C LEU A 145 -13.84 15.53 -8.41
N LEU A 146 -12.92 15.31 -7.46
CA LEU A 146 -13.26 14.95 -6.09
C LEU A 146 -13.13 16.14 -5.15
N PRO A 147 -14.20 16.44 -4.39
CA PRO A 147 -14.11 17.57 -3.45
C PRO A 147 -13.20 17.28 -2.25
N GLY A 148 -12.63 18.32 -1.69
CA GLY A 148 -11.71 18.18 -0.55
C GLY A 148 -10.27 17.76 -0.88
N VAL A 149 -9.96 17.48 -2.15
CA VAL A 149 -8.62 17.02 -2.52
C VAL A 149 -7.75 18.24 -2.75
N ASP A 150 -6.79 18.43 -1.86
CA ASP A 150 -5.90 19.58 -1.83
C ASP A 150 -4.49 19.10 -2.16
N LEU A 151 -3.90 19.61 -3.25
CA LEU A 151 -2.64 19.10 -3.78
C LEU A 151 -1.38 19.86 -3.30
N THR A 152 -1.56 20.84 -2.45
CA THR A 152 -0.45 21.64 -1.97
C THR A 152 0.66 20.75 -1.39
N ARG A 153 0.28 19.74 -0.62
CA ARG A 153 1.28 18.81 -0.06
C ARG A 153 2.01 17.97 -1.12
N PHE A 154 1.28 17.56 -2.14
CA PHE A 154 1.87 16.79 -3.22
C PHE A 154 2.92 17.62 -3.95
N TYR A 155 2.59 18.87 -4.26
CA TYR A 155 3.52 19.70 -5.01
C TYR A 155 4.79 19.93 -4.21
N GLU A 156 4.63 20.25 -2.95
CA GLU A 156 5.77 20.52 -2.09
C GLU A 156 6.73 19.33 -2.02
N PHE A 157 6.18 18.13 -1.89
CA PHE A 157 7.01 16.93 -1.87
C PHE A 157 7.52 16.52 -3.26
N GLU A 158 6.71 16.74 -4.30
CA GLU A 158 7.16 16.44 -5.67
C GLU A 158 8.40 17.25 -6.00
N THR A 159 8.37 18.53 -5.66
CA THR A 159 9.53 19.39 -5.89
C THR A 159 10.77 18.83 -5.20
N GLU A 160 10.62 18.39 -3.95
CA GLU A 160 11.78 17.90 -3.19
C GLU A 160 12.18 16.46 -3.53
N LEU A 161 11.22 15.61 -3.88
CA LEU A 161 11.46 14.16 -3.83
C LEU A 161 11.46 13.43 -5.18
N VAL A 162 11.04 14.11 -6.24
CA VAL A 162 10.95 13.50 -7.57
C VAL A 162 11.95 14.16 -8.53
N ILE A 163 12.53 13.38 -9.44
CA ILE A 163 13.59 13.90 -10.31
C ILE A 163 13.09 14.93 -11.30
N THR A 164 13.90 15.95 -11.54
CA THR A 164 13.68 16.92 -12.61
C THR A 164 13.99 16.31 -13.99
N LYS A 165 13.69 17.05 -15.05
CA LYS A 165 13.89 16.56 -16.40
C LYS A 165 15.37 16.46 -16.81
N ALA A 166 16.21 17.28 -16.18
CA ALA A 166 17.67 17.20 -16.34
C ALA A 166 18.25 15.98 -15.61
N GLU A 167 17.79 15.75 -14.39
CA GLU A 167 18.25 14.62 -13.59
C GLU A 167 17.89 13.29 -14.27
N GLU A 168 16.76 13.26 -14.99
CA GLU A 168 16.40 12.09 -15.80
C GLU A 168 17.49 11.79 -16.80
N ALA A 169 17.83 12.81 -17.59
CA ALA A 169 18.86 12.74 -18.61
C ALA A 169 20.15 12.13 -18.05
N VAL A 170 20.52 12.52 -16.83
CA VAL A 170 21.72 11.98 -16.19
C VAL A 170 21.57 10.48 -15.92
N LEU A 171 20.38 10.07 -15.48
CA LEU A 171 20.09 8.65 -15.26
C LEU A 171 19.92 7.85 -16.57
N GLN A 172 19.58 8.52 -17.68
CA GLN A 172 19.54 7.86 -18.98
C GLN A 172 20.95 7.74 -19.55
N ALA A 173 21.64 8.87 -19.66
CA ALA A 173 23.03 8.93 -20.14
C ALA A 173 23.94 7.95 -19.43
N ASN A 174 23.74 7.79 -18.12
CA ASN A 174 24.56 6.92 -17.28
C ASN A 174 23.67 5.95 -16.49
N PRO A 175 23.24 4.84 -17.12
CA PRO A 175 22.28 3.91 -16.49
C PRO A 175 22.88 3.10 -15.34
N ASP A 176 24.20 3.19 -15.15
CA ASP A 176 24.90 2.54 -14.05
C ASP A 176 24.66 3.24 -12.69
N LEU A 177 24.16 4.48 -12.71
CA LEU A 177 23.94 5.26 -11.49
C LEU A 177 22.64 4.88 -10.74
N PHE A 178 21.71 4.23 -11.42
CA PHE A 178 20.49 3.69 -10.81
C PHE A 178 20.12 2.37 -11.48
N ARG A 179 20.51 1.27 -10.85
CA ARG A 179 20.34 -0.09 -11.41
C ARG A 179 19.10 -0.84 -10.91
N SER A 180 18.42 -0.28 -9.92
CA SER A 180 17.24 -0.90 -9.34
C SER A 180 16.10 -0.93 -10.36
N PRO A 181 15.35 -2.05 -10.42
CA PRO A 181 14.14 -2.13 -11.24
C PRO A 181 12.89 -1.48 -10.59
N TRP A 182 12.98 -1.18 -9.30
CA TRP A 182 11.92 -0.44 -8.60
C TRP A 182 12.04 1.04 -8.97
N LYS A 183 11.32 1.45 -10.01
CA LYS A 183 11.47 2.78 -10.59
C LYS A 183 10.34 3.78 -10.25
N SER A 184 9.27 3.29 -9.60
CA SER A 184 8.14 4.14 -9.21
C SER A 184 8.58 5.22 -8.24
N GLN A 185 8.33 6.48 -8.57
CA GLN A 185 8.61 7.58 -7.65
C GLN A 185 7.38 7.96 -6.88
N ILE A 186 6.26 8.06 -7.58
CA ILE A 186 4.97 8.37 -6.96
C ILE A 186 3.97 7.22 -7.02
N LEU A 187 3.28 6.97 -5.92
CA LEU A 187 2.11 6.10 -5.96
C LEU A 187 0.94 6.85 -5.33
N THR A 188 -0.27 6.34 -5.60
CA THR A 188 -1.49 6.96 -5.13
C THR A 188 -2.30 5.94 -4.37
N ALA A 189 -3.20 6.43 -3.52
CA ALA A 189 -4.23 5.62 -2.89
C ALA A 189 -5.49 6.45 -2.70
N MET A 190 -6.63 5.84 -2.95
CA MET A 190 -7.90 6.45 -2.68
C MET A 190 -8.58 5.64 -1.58
N ASP A 191 -8.78 6.27 -0.43
CA ASP A 191 -9.50 5.66 0.67
C ASP A 191 -10.96 5.95 0.50
N LEU A 192 -11.74 4.87 0.36
CA LEU A 192 -13.18 4.96 0.12
C LEU A 192 -13.94 4.94 1.45
N GLN A 193 -14.49 6.09 1.83
CA GLN A 193 -15.25 6.21 3.06
C GLN A 193 -16.69 5.75 2.83
N LYS A 194 -17.34 5.33 3.92
CA LYS A 194 -18.72 4.87 3.90
C LYS A 194 -19.69 5.93 3.42
N SER A 195 -19.36 7.20 3.64
CA SER A 195 -20.25 8.30 3.26
C SER A 195 -20.24 8.64 1.77
N GLY A 196 -19.26 8.14 1.02
CA GLY A 196 -19.13 8.46 -0.38
C GLY A 196 -17.93 9.35 -0.65
N THR A 197 -17.29 9.85 0.40
CA THR A 197 -16.16 10.74 0.24
C THR A 197 -14.91 9.93 0.01
N VAL A 198 -14.05 10.39 -0.90
CA VAL A 198 -12.76 9.75 -1.21
C VAL A 198 -11.62 10.59 -0.63
N LEU A 199 -10.75 9.94 0.15
CA LEU A 199 -9.57 10.59 0.76
C LEU A 199 -8.38 10.11 -0.07
N VAL A 200 -7.64 11.04 -0.67
CA VAL A 200 -6.55 10.66 -1.56
C VAL A 200 -5.21 10.86 -0.85
N LYS A 201 -4.31 9.90 -1.02
CA LYS A 201 -2.97 9.98 -0.44
C LYS A 201 -2.00 9.87 -1.59
N ALA A 202 -0.83 10.50 -1.45
CA ALA A 202 0.28 10.29 -2.37
C ALA A 202 1.47 9.68 -1.59
N TYR A 203 2.20 8.78 -2.23
CA TYR A 203 3.39 8.15 -1.65
C TYR A 203 4.59 8.60 -2.46
N PHE A 204 5.71 8.88 -1.79
CA PHE A 204 6.92 9.31 -2.49
C PHE A 204 8.13 8.42 -2.22
N TYR A 205 8.73 7.91 -3.30
CA TYR A 205 9.87 6.99 -3.23
C TYR A 205 11.10 7.65 -3.87
N PRO A 206 11.97 8.27 -3.07
CA PRO A 206 13.00 9.16 -3.65
C PRO A 206 14.33 8.49 -3.95
N GLN A 207 14.32 7.18 -4.17
CA GLN A 207 15.57 6.45 -4.43
C GLN A 207 16.29 6.93 -5.68
N PRO A 208 15.55 7.30 -6.73
CA PRO A 208 16.22 7.88 -7.88
C PRO A 208 16.81 9.30 -7.63
N LYS A 209 16.05 10.17 -6.95
CA LYS A 209 16.57 11.49 -6.58
C LYS A 209 17.82 11.32 -5.74
N SER A 210 17.82 10.30 -4.88
CA SER A 210 19.01 9.94 -4.09
C SER A 210 20.21 9.62 -4.98
N ALA A 211 19.99 8.80 -6.00
CA ALA A 211 21.07 8.41 -6.94
C ALA A 211 21.72 9.60 -7.67
N VAL A 212 20.91 10.56 -8.11
CA VAL A 212 21.42 11.72 -8.87
C VAL A 212 22.00 12.89 -8.05
N THR A 213 21.56 13.04 -6.80
CA THR A 213 21.98 14.18 -5.96
C THR A 213 23.05 13.84 -4.93
N GLY A 214 23.24 12.54 -4.69
CA GLY A 214 24.16 12.08 -3.66
C GLY A 214 23.67 12.36 -2.24
N ARG A 215 22.37 12.45 -2.04
CA ARG A 215 21.81 12.61 -0.71
C ARG A 215 21.09 11.32 -0.36
N SER A 216 21.32 10.82 0.85
CA SER A 216 20.73 9.55 1.27
C SER A 216 19.22 9.65 1.34
N THR A 217 18.55 8.51 1.27
CA THR A 217 17.09 8.49 1.35
C THR A 217 16.60 9.18 2.62
N GLU A 218 17.24 8.90 3.74
CA GLU A 218 16.89 9.49 5.03
C GLU A 218 16.92 11.02 4.98
N ASP A 219 18.03 11.59 4.51
CA ASP A 219 18.18 13.03 4.52
C ASP A 219 17.16 13.69 3.60
N LEU A 220 16.81 13.01 2.52
CA LEU A 220 15.79 13.51 1.60
C LEU A 220 14.43 13.55 2.28
N LEU A 221 14.04 12.42 2.88
CA LEU A 221 12.73 12.33 3.55
C LEU A 221 12.60 13.37 4.68
N VAL A 222 13.58 13.37 5.59
CA VAL A 222 13.60 14.27 6.74
C VAL A 222 13.68 15.77 6.35
N ASN A 223 14.62 16.14 5.48
CA ASN A 223 14.66 17.51 4.95
C ASN A 223 13.39 17.91 4.22
N ALA A 224 12.76 16.96 3.54
CA ALA A 224 11.51 17.21 2.83
C ALA A 224 10.42 17.55 3.83
N ILE A 225 10.25 16.65 4.80
CA ILE A 225 9.18 16.79 5.80
C ILE A 225 9.39 18.07 6.57
N ARG A 226 10.62 18.24 7.04
CA ARG A 226 11.04 19.41 7.81
C ARG A 226 10.85 20.73 7.04
N LYS A 227 11.05 20.71 5.72
CA LYS A 227 10.91 21.94 4.93
C LYS A 227 9.44 22.30 4.69
N VAL A 228 8.61 21.29 4.44
CA VAL A 228 7.19 21.49 4.19
C VAL A 228 6.44 21.88 5.47
N ASP A 229 6.93 21.40 6.62
CA ASP A 229 6.29 21.65 7.91
C ASP A 229 6.59 23.07 8.40
N ARG A 230 5.81 24.03 7.90
CA ARG A 230 5.94 25.42 8.31
C ARG A 230 5.61 25.60 9.78
N GLU A 231 4.46 25.07 10.20
CA GLU A 231 3.97 25.23 11.58
C GLU A 231 4.77 24.44 12.63
N GLY A 232 5.60 23.49 12.19
CA GLY A 232 6.39 22.69 13.14
C GLY A 232 5.54 21.69 13.90
N ARG A 233 4.40 21.32 13.33
CA ARG A 233 3.55 20.31 13.96
C ARG A 233 4.21 18.93 14.05
N PHE A 234 5.07 18.60 13.09
CA PHE A 234 5.76 17.30 13.07
C PHE A 234 7.12 17.31 13.76
N GLU A 235 7.61 18.49 14.14
CA GLU A 235 9.01 18.65 14.55
C GLU A 235 9.43 17.76 15.71
N THR A 236 8.59 17.65 16.73
CA THR A 236 8.94 16.84 17.89
C THR A 236 8.99 15.35 17.52
N GLN A 237 7.93 14.84 16.91
CA GLN A 237 7.91 13.43 16.56
C GLN A 237 9.03 13.08 15.59
N LEU A 238 9.28 13.97 14.62
CA LEU A 238 10.33 13.75 13.64
C LEU A 238 11.71 13.67 14.32
N ALA A 239 11.96 14.58 15.25
CA ALA A 239 13.24 14.64 15.95
C ALA A 239 13.51 13.32 16.65
N ASN A 240 12.49 12.81 17.33
CA ASN A 240 12.63 11.58 18.10
C ASN A 240 12.73 10.33 17.22
N LEU A 241 12.11 10.37 16.06
CA LEU A 241 12.27 9.30 15.09
C LEU A 241 13.71 9.31 14.56
N GLN A 242 14.23 10.50 14.30
CA GLN A 242 15.63 10.64 13.88
C GLN A 242 16.57 10.13 14.93
N ARG A 243 16.33 10.55 16.18
CA ARG A 243 17.16 10.09 17.28
C ARG A 243 17.14 8.56 17.35
N TYR A 244 15.99 7.96 17.09
CA TYR A 244 15.90 6.51 17.05
C TYR A 244 16.68 5.89 15.88
N ILE A 245 16.53 6.44 14.67
CA ILE A 245 17.27 5.96 13.50
C ILE A 245 18.76 6.12 13.76
N GLU A 246 19.11 7.15 14.52
CA GLU A 246 20.50 7.39 14.94
C GLU A 246 20.97 6.26 15.85
N ARG A 247 20.17 5.95 16.87
CA ARG A 247 20.47 4.87 17.81
CA ARG A 247 20.46 4.86 17.81
C ARG A 247 20.71 3.57 17.04
N ARG A 248 19.85 3.29 16.07
CA ARG A 248 19.91 2.06 15.30
C ARG A 248 21.13 1.96 14.40
N ARG A 249 21.55 3.08 13.81
CA ARG A 249 22.73 3.08 12.94
C ARG A 249 24.02 2.81 13.74
N ARG A 250 24.05 3.25 15.01
CA ARG A 250 25.23 3.13 15.88
C ARG A 250 25.22 1.83 16.67
N CYS A 274 23.65 -2.66 10.13
CA CYS A 274 22.44 -1.86 10.11
C CYS A 274 21.33 -2.55 9.32
N SER A 275 20.13 -2.62 9.90
CA SER A 275 18.99 -3.31 9.30
C SER A 275 17.74 -2.45 9.12
N PHE A 276 17.73 -1.27 9.74
CA PHE A 276 16.62 -0.34 9.66
C PHE A 276 16.92 0.65 8.54
N PHE A 277 16.01 0.79 7.58
CA PHE A 277 16.27 1.59 6.40
C PHE A 277 15.10 2.47 6.03
N PRO A 278 15.24 3.79 6.25
CA PRO A 278 14.24 4.74 5.77
C PRO A 278 14.04 4.63 4.27
N HIS A 279 12.78 4.52 3.84
CA HIS A 279 12.46 4.08 2.50
C HIS A 279 11.66 5.10 1.73
N PHE A 280 10.52 5.52 2.29
CA PHE A 280 9.64 6.46 1.62
C PHE A 280 8.71 7.15 2.62
N LEU A 281 7.99 8.15 2.15
CA LEU A 281 6.93 8.77 2.96
C LEU A 281 5.63 8.84 2.19
N SER A 282 4.55 9.15 2.90
CA SER A 282 3.28 9.45 2.26
C SER A 282 2.61 10.58 2.99
N THR A 283 1.79 11.31 2.25
CA THR A 283 1.08 12.46 2.77
C THR A 283 -0.36 12.35 2.33
N ASP A 284 -1.26 12.90 3.16
CA ASP A 284 -2.65 13.04 2.75
C ASP A 284 -2.77 14.34 1.96
N LEU A 285 -3.89 14.52 1.27
CA LEU A 285 -4.06 15.69 0.42
C LEU A 285 -5.26 16.49 0.90
N VAL A 286 -5.03 17.19 2.02
CA VAL A 286 -6.01 18.06 2.66
C VAL A 286 -5.33 19.37 3.04
N GLU A 287 -6.06 20.26 3.72
CA GLU A 287 -5.49 21.54 4.17
C GLU A 287 -4.15 21.31 4.89
N PRO A 288 -3.11 22.09 4.52
CA PRO A 288 -1.74 21.94 5.04
C PRO A 288 -1.58 21.91 6.56
N GLY A 289 -2.24 22.83 7.26
CA GLY A 289 -2.15 22.91 8.72
C GLY A 289 -2.89 21.78 9.40
N LYS A 290 -3.64 21.00 8.61
CA LYS A 290 -4.32 19.81 9.09
C LYS A 290 -3.67 18.52 8.54
N SER A 291 -2.65 18.66 7.69
CA SER A 291 -2.08 17.51 6.97
C SER A 291 -1.22 16.61 7.87
N ARG A 292 -1.04 15.36 7.45
CA ARG A 292 -0.32 14.38 8.25
C ARG A 292 0.50 13.49 7.36
N VAL A 293 1.72 13.19 7.79
CA VAL A 293 2.69 12.47 6.98
C VAL A 293 2.96 11.14 7.64
N LYS A 294 3.23 10.12 6.84
CA LYS A 294 3.69 8.83 7.36
C LYS A 294 5.05 8.52 6.78
N PHE A 295 6.02 8.29 7.67
CA PHE A 295 7.41 8.02 7.31
C PHE A 295 7.64 6.51 7.32
N TYR A 296 8.05 5.93 6.19
CA TYR A 296 8.18 4.48 6.13
C TYR A 296 9.63 4.03 6.19
N ALA A 297 9.89 2.95 6.93
CA ALA A 297 11.21 2.36 7.03
C ALA A 297 11.10 0.83 6.95
N SER A 298 12.08 0.19 6.32
CA SER A 298 12.10 -1.28 6.23
C SER A 298 13.13 -1.85 7.18
N GLU A 299 12.80 -3.00 7.78
CA GLU A 299 13.62 -3.67 8.77
C GLU A 299 13.84 -5.12 8.32
N ARG A 300 15.06 -5.60 8.41
CA ARG A 300 15.40 -6.91 7.84
C ARG A 300 15.54 -8.01 8.89
N HIS A 301 15.73 -7.63 10.16
CA HIS A 301 15.58 -8.57 11.27
C HIS A 301 14.09 -8.71 11.54
N VAL A 302 13.47 -9.66 10.85
CA VAL A 302 12.05 -9.96 11.03
C VAL A 302 11.90 -10.93 12.20
N ASN A 303 11.85 -10.36 13.42
CA ASN A 303 11.64 -11.12 14.65
C ASN A 303 11.01 -10.24 15.73
N LEU A 304 10.38 -10.86 16.73
CA LEU A 304 9.52 -10.14 17.67
C LEU A 304 10.28 -9.26 18.68
N GLN A 305 11.55 -9.53 18.89
CA GLN A 305 12.38 -8.69 19.75
C GLN A 305 12.69 -7.37 19.02
N MET A 306 12.93 -7.46 17.71
CA MET A 306 13.13 -6.26 16.89
C MET A 306 11.83 -5.43 16.78
N VAL A 307 10.69 -6.07 16.63
CA VAL A 307 9.39 -5.37 16.66
C VAL A 307 9.21 -4.55 17.95
N GLU A 308 9.57 -5.14 19.09
CA GLU A 308 9.47 -4.41 20.37
C GLU A 308 10.40 -3.20 20.37
N ASP A 309 11.62 -3.38 19.87
CA ASP A 309 12.60 -2.32 19.83
C ASP A 309 12.06 -1.11 19.06
N ILE A 310 11.49 -1.38 17.90
CA ILE A 310 10.94 -0.32 17.07
C ILE A 310 9.65 0.20 17.69
N TRP A 311 8.74 -0.72 17.99
CA TRP A 311 7.45 -0.35 18.57
C TRP A 311 7.63 0.59 19.78
N THR A 312 8.58 0.27 20.65
CA THR A 312 8.83 1.05 21.88
C THR A 312 10.01 2.06 21.80
N PHE A 313 10.50 2.31 20.57
CA PHE A 313 11.67 3.18 20.34
C PHE A 313 12.79 2.93 21.33
N GLY A 314 13.29 1.69 21.34
CA GLY A 314 14.37 1.31 22.23
C GLY A 314 14.00 1.22 23.69
N GLY A 315 12.71 1.15 24.00
CA GLY A 315 12.23 1.14 25.37
C GLY A 315 12.01 2.52 25.94
N LEU A 316 11.92 3.53 25.07
CA LEU A 316 11.66 4.92 25.48
C LEU A 316 10.16 5.21 25.45
N ARG A 317 9.40 4.43 24.70
CA ARG A 317 7.98 4.64 24.53
C ARG A 317 7.22 3.44 25.09
N ARG A 318 6.90 3.51 26.39
CA ARG A 318 6.32 2.38 27.12
C ARG A 318 5.12 2.82 27.97
N ASP A 319 4.35 3.76 27.45
CA ASP A 319 3.04 4.10 28.04
C ASP A 319 2.09 2.90 27.90
N PRO A 320 1.00 2.85 28.71
CA PRO A 320 0.11 1.68 28.67
C PRO A 320 -0.39 1.33 27.28
N ASP A 321 -0.70 2.36 26.49
CA ASP A 321 -1.22 2.18 25.14
C ASP A 321 -0.17 1.51 24.25
N ALA A 322 1.09 1.91 24.40
CA ALA A 322 2.18 1.30 23.65
C ALA A 322 2.36 -0.18 23.98
N LEU A 323 2.28 -0.50 25.27
CA LEU A 323 2.52 -1.87 25.76
C LEU A 323 1.31 -2.77 25.59
N ARG A 324 0.12 -2.20 25.69
CA ARG A 324 -1.12 -2.95 25.46
C ARG A 324 -1.19 -3.35 23.98
N GLY A 325 -0.82 -2.43 23.09
CA GLY A 325 -0.73 -2.74 21.66
C GLY A 325 0.31 -3.78 21.33
N LEU A 326 1.45 -3.73 22.02
CA LEU A 326 2.54 -4.68 21.80
C LEU A 326 2.18 -6.08 22.26
N GLU A 327 1.43 -6.19 23.37
CA GLU A 327 0.89 -7.50 23.81
C GLU A 327 0.00 -8.09 22.72
N LEU A 328 -0.84 -7.27 22.11
CA LEU A 328 -1.76 -7.74 21.10
C LEU A 328 -1.01 -8.02 19.81
N LEU A 329 0.00 -7.21 19.51
CA LEU A 329 0.86 -7.47 18.35
C LEU A 329 1.49 -8.86 18.46
N ARG A 330 1.99 -9.18 19.65
CA ARG A 330 2.54 -10.51 19.91
C ARG A 330 1.51 -11.62 19.60
N HIS A 331 0.25 -11.42 19.98
CA HIS A 331 -0.80 -12.42 19.71
C HIS A 331 -1.04 -12.59 18.21
N PHE A 332 -1.21 -11.46 17.54
CA PHE A 332 -1.32 -11.40 16.06
C PHE A 332 -0.20 -12.16 15.34
N TRP A 333 1.03 -11.86 15.72
CA TRP A 333 2.22 -12.45 15.13
C TRP A 333 2.20 -13.97 15.21
N ALA A 334 1.82 -14.50 16.38
CA ALA A 334 1.71 -15.95 16.57
C ALA A 334 0.52 -16.56 15.83
N ASP A 335 -0.62 -15.87 15.85
CA ASP A 335 -1.87 -16.40 15.27
C ASP A 335 -1.79 -16.63 13.76
N ILE A 336 -1.15 -15.72 13.04
CA ILE A 336 -0.94 -15.88 11.59
C ILE A 336 0.30 -16.70 11.27
N GLN A 337 1.05 -17.10 12.31
CA GLN A 337 2.18 -18.03 12.21
C GLN A 337 3.35 -17.49 11.37
N MET A 338 3.80 -16.29 11.72
CA MET A 338 4.97 -15.66 11.08
C MET A 338 6.26 -16.34 11.51
N ARG A 339 7.16 -16.53 10.55
CA ARG A 339 8.48 -17.11 10.81
C ARG A 339 9.51 -15.99 11.00
N GLU A 340 10.34 -16.12 12.05
CA GLU A 340 11.43 -15.17 12.30
C GLU A 340 12.50 -15.32 11.22
N GLY A 341 13.32 -14.28 11.04
CA GLY A 341 14.45 -14.38 10.13
C GLY A 341 15.11 -13.06 9.73
N TYR A 342 16.32 -13.17 9.20
CA TYR A 342 17.04 -12.04 8.62
C TYR A 342 16.84 -12.07 7.11
N TYR A 343 16.07 -11.13 6.58
CA TYR A 343 15.68 -11.14 5.18
C TYR A 343 16.13 -9.88 4.45
N THR A 344 16.76 -10.07 3.29
CA THR A 344 17.34 -8.97 2.50
C THR A 344 16.33 -8.44 1.48
N MET A 345 16.52 -7.20 1.06
CA MET A 345 15.62 -6.54 0.08
C MET A 345 15.39 -7.39 -1.19
N PRO A 346 14.16 -7.33 -1.75
CA PRO A 346 13.79 -8.21 -2.88
C PRO A 346 14.61 -7.98 -4.15
N ARG A 347 15.21 -9.04 -4.69
CA ARG A 347 16.14 -8.96 -5.82
C ARG A 347 15.53 -8.34 -7.11
N GLY A 348 14.38 -8.85 -7.54
CA GLY A 348 13.68 -8.36 -8.73
C GLY A 348 12.19 -8.24 -8.48
N PHE A 349 11.40 -9.05 -9.18
CA PHE A 349 9.97 -9.18 -8.91
C PHE A 349 9.59 -10.64 -8.88
N CYS A 350 8.38 -10.90 -8.40
CA CYS A 350 7.81 -12.23 -8.43
C CYS A 350 6.44 -12.09 -9.02
N GLU A 351 6.38 -12.18 -10.34
CA GLU A 351 5.14 -11.90 -11.07
C GLU A 351 4.28 -13.16 -11.13
N LEU A 352 3.02 -12.99 -11.52
CA LEU A 352 2.12 -14.13 -11.75
C LEU A 352 2.80 -15.14 -12.69
N GLY A 353 2.68 -16.43 -12.37
CA GLY A 353 3.39 -17.47 -13.09
C GLY A 353 4.78 -17.77 -12.51
N LYS A 354 5.43 -16.73 -11.96
CA LYS A 354 6.68 -16.90 -11.22
C LYS A 354 6.38 -17.61 -9.90
N SER A 355 7.30 -18.47 -9.47
CA SER A 355 7.12 -19.25 -8.24
C SER A 355 7.65 -18.46 -7.04
N SER A 356 6.93 -18.56 -5.92
CA SER A 356 7.31 -17.91 -4.67
C SER A 356 8.47 -18.65 -4.00
N GLY A 358 9.56 -20.41 -1.36
CA GLY A 358 8.94 -19.71 -0.23
C GLY A 358 9.53 -18.33 -0.02
N PHE A 359 9.16 -17.40 -0.91
CA PHE A 359 9.62 -15.99 -0.89
C PHE A 359 9.81 -15.38 0.50
N GLU A 360 10.99 -14.82 0.76
CA GLU A 360 11.25 -14.09 2.00
C GLU A 360 11.72 -12.65 1.72
N ALA A 361 11.14 -11.70 2.45
CA ALA A 361 11.41 -10.27 2.24
C ALA A 361 11.42 -9.53 3.57
N PRO A 362 11.75 -8.22 3.55
CA PRO A 362 11.83 -7.48 4.79
C PRO A 362 10.49 -7.10 5.40
N MET A 363 10.50 -6.92 6.71
CA MET A 363 9.39 -6.35 7.48
C MET A 363 9.44 -4.83 7.32
N MET A 364 8.34 -4.16 7.63
CA MET A 364 8.26 -2.74 7.38
C MET A 364 7.44 -2.00 8.44
N PHE A 365 7.81 -0.75 8.70
CA PHE A 365 7.12 0.09 9.65
C PHE A 365 6.85 1.47 9.07
N HIS A 366 5.67 2.02 9.35
CA HIS A 366 5.46 3.44 9.10
C HIS A 366 5.39 4.16 10.42
N PHE A 367 5.70 5.46 10.40
CA PHE A 367 5.59 6.29 11.60
C PHE A 367 4.68 7.47 11.31
N HIS A 368 3.63 7.61 12.12
CA HIS A 368 2.56 8.55 11.85
C HIS A 368 2.81 9.90 12.51
N LEU A 369 3.27 10.85 11.71
CA LEU A 369 3.51 12.22 12.17
C LEU A 369 2.15 12.93 12.13
N ASP A 370 1.49 13.00 13.29
CA ASP A 370 0.04 13.26 13.34
C ASP A 370 -0.37 14.64 13.83
N GLY A 371 0.59 15.49 14.18
CA GLY A 371 0.30 16.83 14.66
C GLY A 371 -0.26 16.89 16.07
N SER A 372 -0.20 15.77 16.79
CA SER A 372 -0.62 15.73 18.20
C SER A 372 0.53 16.21 19.08
N GLN A 373 0.31 16.19 20.40
CA GLN A 373 1.36 16.55 21.36
C GLN A 373 2.24 15.37 21.79
N SER A 374 1.90 14.16 21.32
CA SER A 374 2.70 12.98 21.63
C SER A 374 4.17 13.17 21.23
N PRO A 375 5.10 12.73 22.09
CA PRO A 375 6.51 12.83 21.76
C PRO A 375 6.93 11.92 20.62
N PHE A 376 6.27 10.76 20.51
CA PHE A 376 6.57 9.80 19.45
C PHE A 376 5.41 9.63 18.47
N PRO A 377 5.72 9.47 17.18
CA PRO A 377 4.68 9.18 16.22
C PRO A 377 4.23 7.71 16.34
N ASP A 378 2.95 7.43 16.10
CA ASP A 378 2.42 6.07 16.23
C ASP A 378 3.04 5.18 15.15
N PRO A 379 3.57 4.02 15.55
CA PRO A 379 4.10 3.05 14.61
C PRO A 379 3.05 2.07 14.11
N GLN A 380 3.25 1.57 12.90
CA GLN A 380 2.41 0.54 12.29
C GLN A 380 3.33 -0.46 11.63
N MET A 381 3.15 -1.73 11.94
CA MET A 381 3.99 -2.80 11.41
C MET A 381 3.40 -3.32 10.13
N TYR A 382 4.24 -3.60 9.13
CA TYR A 382 3.82 -4.28 7.91
C TYR A 382 4.71 -5.52 7.76
N VAL A 383 4.09 -6.70 7.81
CA VAL A 383 4.81 -7.97 7.61
C VAL A 383 4.54 -8.46 6.21
N CYS A 384 5.59 -8.79 5.47
CA CYS A 384 5.43 -9.33 4.13
C CYS A 384 5.09 -10.79 4.29
N VAL A 385 3.86 -11.16 3.91
CA VAL A 385 3.39 -12.55 3.96
C VAL A 385 3.37 -13.20 2.58
N PHE A 386 3.79 -12.44 1.57
CA PHE A 386 3.95 -12.96 0.22
C PHE A 386 4.83 -14.21 0.26
N GLY A 387 4.33 -15.31 -0.27
CA GLY A 387 5.09 -16.57 -0.25
C GLY A 387 4.65 -17.53 0.84
N MET A 388 3.88 -17.03 1.80
CA MET A 388 3.17 -17.88 2.75
C MET A 388 1.83 -18.31 2.14
N ASN A 389 1.42 -19.54 2.42
CA ASN A 389 0.16 -20.03 1.90
C ASN A 389 -0.94 -19.07 2.35
N SER A 390 -1.66 -18.56 1.37
CA SER A 390 -2.61 -17.48 1.59
C SER A 390 -3.84 -17.97 2.32
N ARG A 391 -4.34 -19.15 1.95
CA ARG A 391 -5.48 -19.74 2.67
C ARG A 391 -5.11 -19.97 4.13
N LYS A 392 -3.92 -20.52 4.37
CA LYS A 392 -3.44 -20.77 5.72
C LYS A 392 -3.34 -19.44 6.49
N LEU A 393 -2.72 -18.43 5.87
CA LEU A 393 -2.60 -17.13 6.51
C LEU A 393 -3.96 -16.56 6.92
N VAL A 394 -4.95 -16.64 6.03
CA VAL A 394 -6.28 -16.14 6.34
C VAL A 394 -6.96 -16.97 7.44
N GLU A 395 -6.65 -18.27 7.52
CA GLU A 395 -7.11 -19.09 8.66
C GLU A 395 -6.53 -18.54 9.97
N GLY A 396 -5.25 -18.20 9.97
CA GLY A 396 -4.63 -17.63 11.15
C GLY A 396 -5.20 -16.28 11.53
N LEU A 397 -5.56 -15.48 10.52
CA LEU A 397 -6.20 -14.20 10.75
C LEU A 397 -7.57 -14.41 11.38
N THR A 398 -8.30 -15.43 10.94
CA THR A 398 -9.61 -15.72 11.48
C THR A 398 -9.46 -15.99 12.98
N THR A 399 -8.45 -16.77 13.34
CA THR A 399 -8.13 -17.02 14.74
C THR A 399 -7.92 -15.70 15.46
N PHE A 400 -7.24 -14.75 14.81
CA PHE A 400 -7.05 -13.42 15.40
C PHE A 400 -8.33 -12.58 15.50
N TYR A 401 -9.20 -12.67 14.49
CA TYR A 401 -10.47 -11.94 14.54
C TYR A 401 -11.31 -12.41 15.71
N ARG A 402 -11.29 -13.71 15.97
CA ARG A 402 -12.02 -14.29 17.09
C ARG A 402 -11.44 -13.83 18.41
N ARG A 403 -10.12 -13.91 18.55
CA ARG A 403 -9.45 -13.40 19.74
C ARG A 403 -9.91 -11.99 20.14
N VAL A 404 -10.11 -11.10 19.15
CA VAL A 404 -10.54 -9.73 19.43
C VAL A 404 -12.04 -9.50 19.23
N GLY A 405 -12.80 -10.58 19.11
CA GLY A 405 -14.26 -10.50 19.14
C GLY A 405 -14.91 -9.89 17.93
N TRP A 406 -14.21 -9.90 16.79
CA TRP A 406 -14.77 -9.45 15.53
C TRP A 406 -15.55 -10.61 14.92
N GLU A 407 -16.81 -10.74 15.34
CA GLU A 407 -17.60 -11.94 15.12
C GLU A 407 -17.99 -12.12 13.67
N GLU A 408 -18.63 -11.11 13.09
CA GLU A 408 -19.07 -11.19 11.70
C GLU A 408 -17.87 -11.48 10.80
N MET A 409 -16.77 -10.76 11.05
CA MET A 409 -15.54 -10.91 10.28
C MET A 409 -14.93 -12.29 10.47
N ALA A 410 -14.91 -12.77 11.69
CA ALA A 410 -14.44 -14.13 11.97
C ALA A 410 -15.18 -15.15 11.10
N SER A 411 -16.50 -15.00 11.02
CA SER A 411 -17.37 -15.98 10.36
C SER A 411 -17.34 -15.91 8.84
N HIS A 412 -17.28 -14.71 8.29
CA HIS A 412 -17.48 -14.53 6.84
C HIS A 412 -16.24 -14.17 6.01
N TYR A 413 -15.18 -13.63 6.62
CA TYR A 413 -14.07 -13.06 5.85
C TYR A 413 -13.34 -14.07 4.98
N GLN A 414 -12.99 -15.22 5.58
CA GLN A 414 -12.23 -16.24 4.86
C GLN A 414 -12.92 -16.62 3.55
N ALA A 415 -14.20 -16.98 3.61
CA ALA A 415 -14.92 -17.38 2.40
C ALA A 415 -15.09 -16.22 1.38
N ASN A 416 -15.08 -14.97 1.84
CA ASN A 416 -15.07 -13.83 0.93
C ASN A 416 -13.68 -13.63 0.31
N PHE A 417 -12.64 -13.93 1.08
CA PHE A 417 -11.28 -13.89 0.59
C PHE A 417 -11.03 -14.86 -0.54
N LEU A 418 -11.42 -16.10 -0.34
CA LEU A 418 -11.23 -17.16 -1.33
C LEU A 418 -12.11 -16.97 -2.55
N ALA A 419 -13.29 -16.36 -2.36
CA ALA A 419 -14.24 -16.11 -3.45
C ALA A 419 -13.68 -15.17 -4.52
N ASN A 420 -12.68 -14.35 -4.17
CA ASN A 420 -12.05 -13.48 -5.16
C ASN A 420 -11.10 -14.18 -6.16
N TYR A 421 -10.73 -15.43 -5.89
CA TYR A 421 -9.75 -16.15 -6.73
C TYR A 421 -10.33 -17.49 -7.14
N PRO A 422 -11.38 -17.45 -7.97
CA PRO A 422 -12.27 -18.58 -8.19
C PRO A 422 -11.57 -19.81 -8.75
N ASP A 423 -10.74 -19.61 -9.76
CA ASP A 423 -10.12 -20.75 -10.44
C ASP A 423 -8.80 -21.19 -9.80
N GLU A 424 -8.40 -20.53 -8.72
CA GLU A 424 -7.07 -20.72 -8.12
C GLU A 424 -6.96 -21.94 -7.19
N ASP A 425 -5.77 -22.51 -7.11
CA ASP A 425 -5.48 -23.63 -6.20
C ASP A 425 -4.84 -23.16 -4.90
N PHE A 426 -5.58 -23.31 -3.80
CA PHE A 426 -5.19 -22.75 -2.51
C PHE A 426 -4.26 -23.66 -1.68
N GLU A 427 -3.78 -24.75 -2.27
CA GLU A 427 -2.74 -25.57 -1.65
C GLU A 427 -1.35 -24.99 -1.95
N LYS A 428 -1.24 -24.35 -3.13
CA LYS A 428 0.02 -23.79 -3.62
C LYS A 428 0.06 -22.26 -3.52
N ALA A 429 -1.12 -21.63 -3.54
CA ALA A 429 -1.26 -20.17 -3.71
C ALA A 429 -0.71 -19.39 -2.52
N ALA A 430 0.32 -18.60 -2.77
CA ALA A 430 1.00 -17.82 -1.74
C ALA A 430 1.16 -16.36 -2.15
N HIS A 431 0.41 -15.95 -3.16
CA HIS A 431 0.55 -14.61 -3.72
C HIS A 431 -0.69 -13.76 -3.50
N LEU A 432 -1.69 -14.33 -2.83
CA LEU A 432 -3.01 -13.74 -2.75
C LEU A 432 -3.03 -12.63 -1.72
N CYS A 433 -2.27 -12.82 -0.63
CA CYS A 433 -1.96 -11.75 0.31
C CYS A 433 -0.47 -11.45 0.28
N ALA A 434 -0.12 -10.18 0.13
CA ALA A 434 1.28 -9.77 0.05
C ALA A 434 1.75 -9.19 1.39
N TYR A 435 0.96 -8.29 1.96
CA TYR A 435 1.33 -7.69 3.23
C TYR A 435 0.15 -7.69 4.16
N VAL A 436 0.43 -7.67 5.45
CA VAL A 436 -0.59 -7.40 6.46
C VAL A 436 -0.03 -6.34 7.39
N SER A 437 -0.83 -5.37 7.76
CA SER A 437 -0.35 -4.33 8.66
C SER A 437 -1.06 -4.42 9.99
N PHE A 438 -0.36 -4.01 11.04
CA PHE A 438 -0.91 -3.97 12.39
C PHE A 438 -0.61 -2.63 13.08
N ALA A 439 -1.66 -1.95 13.53
CA ALA A 439 -1.54 -0.83 14.46
C ALA A 439 -2.47 -1.04 15.62
N TYR A 440 -2.37 -0.15 16.59
CA TYR A 440 -3.26 -0.09 17.75
C TYR A 440 -3.79 1.33 17.85
N LYS A 441 -5.08 1.52 17.51
CA LYS A 441 -5.76 2.80 17.59
C LYS A 441 -7.02 2.66 18.46
N ASN A 442 -7.24 3.63 19.35
CA ASN A 442 -8.43 3.66 20.22
C ASN A 442 -8.70 2.32 20.92
N GLY A 443 -7.73 1.85 21.69
CA GLY A 443 -7.88 0.61 22.44
C GLY A 443 -8.14 -0.62 21.58
N GLY A 444 -7.82 -0.54 20.29
CA GLY A 444 -8.18 -1.60 19.36
C GLY A 444 -7.17 -1.86 18.27
N ALA A 445 -7.07 -3.14 17.87
CA ALA A 445 -6.27 -3.58 16.73
C ALA A 445 -6.76 -2.91 15.47
N TYR A 446 -5.83 -2.55 14.59
CA TYR A 446 -6.15 -2.09 13.24
C TYR A 446 -5.37 -2.94 12.25
N VAL A 447 -6.10 -3.79 11.52
CA VAL A 447 -5.52 -4.77 10.62
C VAL A 447 -6.01 -4.51 9.20
N THR A 448 -5.07 -4.49 8.27
CA THR A 448 -5.33 -4.21 6.87
C THR A 448 -4.63 -5.28 6.05
N LEU A 449 -5.36 -5.89 5.13
CA LEU A 449 -4.78 -6.87 4.21
C LEU A 449 -4.49 -6.21 2.86
N TYR A 450 -3.29 -6.40 2.32
CA TYR A 450 -2.98 -5.90 0.99
C TYR A 450 -2.94 -7.08 0.03
N ASN A 451 -3.98 -7.23 -0.77
CA ASN A 451 -4.17 -8.47 -1.50
C ASN A 451 -4.12 -8.36 -3.01
N HIS A 452 -3.89 -9.51 -3.62
CA HIS A 452 -3.94 -9.69 -5.07
C HIS A 452 -5.27 -9.22 -5.61
N SER A 453 -5.22 -8.34 -6.60
CA SER A 453 -6.40 -7.61 -7.06
C SER A 453 -6.64 -7.81 -8.56
N PHE A 454 -6.37 -9.02 -9.05
CA PHE A 454 -6.33 -9.27 -10.50
C PHE A 454 -6.66 -10.72 -10.84
N ASN A 455 -7.60 -10.93 -11.74
CA ASN A 455 -7.96 -12.26 -12.26
C ASN A 455 -7.88 -12.31 -13.79
N PRO A 456 -6.94 -13.10 -14.34
CA PRO A 456 -6.92 -13.24 -15.79
C PRO A 456 -8.04 -14.14 -16.29
#